data_7OFT
#
_entry.id   7OFT
#
_cell.length_a   81.613
_cell.length_b   81.613
_cell.length_c   134.378
_cell.angle_alpha   90.000
_cell.angle_beta   90.000
_cell.angle_gamma   120.000
#
_symmetry.space_group_name_H-M   'P 32 2 1'
#
loop_
_entity.id
_entity.type
_entity.pdbx_description
1 polymer 'Papain-like protease nsp3'
2 non-polymer 'ZINC ION'
3 non-polymer 'CHLORIDE ION'
4 non-polymer P-HYDROXYBENZALDEHYDE
5 non-polymer 'POTASSIUM ION'
6 water water
#
_entity_poly.entity_id   1
_entity_poly.type   'polypeptide(L)'
_entity_poly.pdbx_seq_one_letter_code
;EVRTIKVFTTVDNINLHTQVVDMSMTYGQQFGPTYLDGADVTKIKPHNSHEGKTFYVLPNDDTLRVEAFEYYHTTDPSFL
GRYMSALNHTKKWKYPQVNGLTSIKWADNNCYLATALLTLQQIELKFNPPALQDAYYRARAGEAANFCALILAYCNKTVG
ELGDVRETMSYLFQHANLDSCKRVLNVVCKTCGQQQTTLKGVEAVMYMGTLSYEQFKKGVQIPCTCGKQATKYLVQQESP
FVMMSAPPAQYELKHGTFTCASEYTGNYQCGHYKHITSKETLYCIDGALLTKSSEYKGPITDVFYKENSYTTTIK
;
_entity_poly.pdbx_strand_id   A
#
loop_
_chem_comp.id
_chem_comp.type
_chem_comp.name
_chem_comp.formula
CL non-polymer 'CHLORIDE ION' 'Cl -1'
HBA non-polymer P-HYDROXYBENZALDEHYDE 'C7 H6 O2'
K non-polymer 'POTASSIUM ION' 'K 1'
ZN non-polymer 'ZINC ION' 'Zn 2'
#
# COMPACT_ATOMS: atom_id res chain seq x y z
N GLU A 1 38.61 -27.02 -18.58
CA GLU A 1 38.75 -25.57 -18.74
C GLU A 1 37.83 -24.86 -17.76
N VAL A 2 38.35 -23.88 -17.03
CA VAL A 2 37.57 -23.13 -16.05
C VAL A 2 37.12 -21.82 -16.70
N ARG A 3 35.82 -21.67 -16.89
CA ARG A 3 35.24 -20.51 -17.53
C ARG A 3 34.58 -19.62 -16.47
N THR A 4 34.66 -18.32 -16.70
CA THR A 4 34.07 -17.34 -15.78
C THR A 4 33.38 -16.26 -16.59
N ILE A 5 32.42 -15.60 -15.95
CA ILE A 5 31.86 -14.35 -16.47
C ILE A 5 31.77 -13.36 -15.32
N LYS A 6 31.77 -12.08 -15.68
CA LYS A 6 31.55 -10.98 -14.75
C LYS A 6 30.07 -10.67 -14.66
N VAL A 7 29.54 -10.59 -13.43
CA VAL A 7 28.17 -10.17 -13.19
C VAL A 7 28.21 -9.20 -12.01
N PHE A 8 27.07 -8.57 -11.75
CA PHE A 8 26.98 -7.66 -10.60
C PHE A 8 25.88 -8.17 -9.69
N THR A 9 26.14 -8.19 -8.38
CA THR A 9 25.09 -8.47 -7.43
C THR A 9 24.63 -7.16 -6.78
N THR A 10 23.45 -7.23 -6.17
CA THR A 10 22.82 -6.03 -5.65
C THR A 10 21.76 -6.42 -4.64
N VAL A 11 21.38 -5.46 -3.80
CA VAL A 11 20.18 -5.60 -2.99
C VAL A 11 19.18 -4.51 -3.39
N ASP A 12 19.69 -3.36 -3.83
CA ASP A 12 18.83 -2.20 -4.10
C ASP A 12 18.76 -1.82 -5.56
N ASN A 13 19.43 -2.55 -6.45
CA ASN A 13 19.45 -2.33 -7.90
C ASN A 13 20.04 -0.98 -8.29
N ILE A 14 20.74 -0.32 -7.38
CA ILE A 14 21.49 0.91 -7.65
C ILE A 14 22.97 0.71 -7.40
N ASN A 15 23.33 0.26 -6.21
CA ASN A 15 24.70 -0.06 -5.85
C ASN A 15 25.00 -1.49 -6.27
N LEU A 16 25.99 -1.62 -7.15
CA LEU A 16 26.38 -2.85 -7.81
C LEU A 16 27.66 -3.38 -7.17
N HIS A 17 27.80 -4.70 -7.16
CA HIS A 17 28.94 -5.37 -6.55
C HIS A 17 29.50 -6.35 -7.56
N THR A 18 30.73 -6.09 -8.03
CA THR A 18 31.32 -6.91 -9.08
C THR A 18 31.59 -8.31 -8.56
N GLN A 19 31.24 -9.31 -9.37
CA GLN A 19 31.47 -10.70 -9.05
C GLN A 19 31.98 -11.43 -10.30
N VAL A 20 32.99 -12.25 -10.13
CA VAL A 20 33.42 -13.17 -11.17
C VAL A 20 32.93 -14.56 -10.76
N VAL A 21 32.03 -15.15 -11.54
CA VAL A 21 31.40 -16.42 -11.19
C VAL A 21 31.95 -17.52 -12.10
N ASP A 22 32.13 -18.69 -11.51
CA ASP A 22 32.49 -19.90 -12.24
C ASP A 22 31.26 -20.45 -12.93
N MET A 23 31.36 -20.67 -14.24
CA MET A 23 30.18 -21.11 -14.97
C MET A 23 29.87 -22.59 -14.75
N SER A 24 30.73 -23.32 -14.04
CA SER A 24 30.47 -24.73 -13.73
C SER A 24 29.72 -24.93 -12.42
N MET A 25 29.43 -23.85 -11.69
CA MET A 25 28.68 -23.94 -10.44
C MET A 25 27.40 -23.11 -10.55
N THR A 26 26.37 -23.53 -9.84
CA THR A 26 25.15 -22.75 -9.84
C THR A 26 25.39 -21.41 -9.15
N TYR A 27 24.46 -20.48 -9.37
CA TYR A 27 24.47 -19.23 -8.61
C TYR A 27 24.32 -19.51 -7.11
N GLY A 28 23.45 -20.46 -6.77
CA GLY A 28 23.22 -20.76 -5.37
C GLY A 28 24.48 -21.22 -4.66
N GLN A 29 25.30 -22.05 -5.32
CA GLN A 29 26.56 -22.46 -4.72
C GLN A 29 27.49 -21.29 -4.47
N GLN A 30 27.27 -20.17 -5.15
CA GLN A 30 28.24 -19.09 -5.13
C GLN A 30 27.74 -17.87 -4.36
N PHE A 31 26.44 -17.55 -4.48
CA PHE A 31 25.84 -16.40 -3.83
C PHE A 31 24.80 -16.76 -2.78
N GLY A 32 24.35 -18.01 -2.71
CA GLY A 32 23.08 -18.32 -2.08
C GLY A 32 21.93 -17.96 -3.00
N PRO A 33 20.74 -17.73 -2.45
CA PRO A 33 19.59 -17.38 -3.29
C PRO A 33 19.89 -16.18 -4.19
N THR A 34 19.62 -16.36 -5.48
CA THR A 34 19.98 -15.38 -6.51
C THR A 34 18.80 -15.20 -7.46
N TYR A 35 18.52 -13.96 -7.85
CA TYR A 35 17.35 -13.70 -8.67
C TYR A 35 17.72 -12.75 -9.80
N LEU A 36 17.17 -13.00 -10.98
CA LEU A 36 17.39 -12.16 -12.16
C LEU A 36 16.06 -11.53 -12.54
N ASP A 37 15.91 -10.25 -12.21
CA ASP A 37 14.68 -9.46 -12.40
C ASP A 37 13.44 -10.25 -11.99
N GLY A 38 13.49 -10.94 -10.86
CA GLY A 38 12.35 -11.68 -10.40
C GLY A 38 12.52 -13.19 -10.50
N ALA A 39 13.20 -13.66 -11.54
CA ALA A 39 13.33 -15.10 -11.75
C ALA A 39 14.38 -15.69 -10.81
N ASP A 40 14.05 -16.82 -10.18
CA ASP A 40 14.95 -17.50 -9.25
C ASP A 40 15.98 -18.32 -10.02
N VAL A 41 17.23 -17.86 -10.05
CA VAL A 41 18.29 -18.57 -10.76
C VAL A 41 19.21 -19.32 -9.81
N THR A 42 18.79 -19.48 -8.55
CA THR A 42 19.63 -20.13 -7.55
C THR A 42 20.19 -21.47 -8.03
N LYS A 43 19.40 -22.23 -8.78
CA LYS A 43 19.79 -23.57 -9.22
C LYS A 43 20.29 -23.62 -10.66
N ILE A 44 20.50 -22.45 -11.28
CA ILE A 44 20.93 -22.32 -12.66
C ILE A 44 22.43 -22.07 -12.67
N LYS A 45 23.16 -22.66 -13.65
CA LYS A 45 24.55 -22.22 -13.79
C LYS A 45 24.61 -20.98 -14.66
N PRO A 46 25.64 -20.15 -14.53
CA PRO A 46 25.71 -18.93 -15.35
C PRO A 46 25.72 -19.24 -16.84
N HIS A 47 24.90 -18.49 -17.60
N HIS A 47 24.97 -18.43 -17.61
CA HIS A 47 24.98 -18.49 -19.05
CA HIS A 47 24.96 -18.52 -19.06
C HIS A 47 26.01 -17.47 -19.51
C HIS A 47 25.76 -17.36 -19.63
N ASN A 48 26.39 -17.60 -20.78
CA ASN A 48 27.19 -16.54 -21.41
C ASN A 48 26.37 -15.26 -21.54
N SER A 49 25.07 -15.38 -21.76
CA SER A 49 24.24 -14.19 -21.89
C SER A 49 24.11 -13.41 -20.58
N HIS A 50 24.53 -13.98 -19.45
CA HIS A 50 24.43 -13.28 -18.17
C HIS A 50 25.51 -12.24 -17.95
N GLU A 51 26.62 -12.32 -18.68
N GLU A 51 26.60 -12.29 -18.71
CA GLU A 51 27.73 -11.40 -18.46
CA GLU A 51 27.70 -11.32 -18.63
C GLU A 51 27.24 -9.96 -18.42
C GLU A 51 27.18 -9.90 -18.45
N GLY A 52 27.66 -9.23 -17.39
CA GLY A 52 27.29 -7.85 -17.20
C GLY A 52 25.93 -7.59 -16.58
N LYS A 53 25.13 -8.62 -16.32
CA LYS A 53 23.82 -8.34 -15.75
C LYS A 53 23.88 -8.27 -14.23
N THR A 54 22.80 -7.72 -13.68
CA THR A 54 22.62 -7.54 -12.25
C THR A 54 21.69 -8.63 -11.70
N PHE A 55 22.11 -9.23 -10.58
CA PHE A 55 21.33 -10.23 -9.86
C PHE A 55 21.08 -9.74 -8.43
N TYR A 56 19.85 -9.90 -7.94
CA TYR A 56 19.56 -9.68 -6.53
C TYR A 56 20.01 -10.86 -5.70
N VAL A 57 20.59 -10.58 -4.53
CA VAL A 57 21.04 -11.60 -3.59
C VAL A 57 20.62 -11.17 -2.19
N LEU A 58 20.77 -12.09 -1.22
CA LEU A 58 20.55 -11.75 0.18
C LEU A 58 21.68 -10.87 0.71
N PRO A 59 21.44 -10.11 1.78
CA PRO A 59 22.51 -9.26 2.35
C PRO A 59 23.52 -10.03 3.21
N ASN A 60 24.40 -10.80 2.56
CA ASN A 60 25.28 -11.72 3.29
C ASN A 60 26.66 -11.14 3.59
N ASP A 61 26.82 -9.81 3.55
CA ASP A 61 27.93 -9.13 4.21
C ASP A 61 27.44 -7.80 4.76
N ASP A 62 28.30 -7.12 5.53
CA ASP A 62 27.86 -5.90 6.22
C ASP A 62 27.49 -4.80 5.24
N THR A 63 28.23 -4.69 4.13
CA THR A 63 27.91 -3.65 3.16
C THR A 63 26.52 -3.81 2.61
N LEU A 64 26.15 -5.06 2.25
CA LEU A 64 24.82 -5.31 1.72
C LEU A 64 23.74 -5.14 2.78
N ARG A 65 24.03 -5.51 4.03
CA ARG A 65 23.04 -5.32 5.09
C ARG A 65 22.67 -3.85 5.23
N VAL A 66 23.67 -2.97 5.21
CA VAL A 66 23.40 -1.55 5.34
C VAL A 66 22.67 -1.01 4.11
N GLU A 67 23.12 -1.41 2.91
CA GLU A 67 22.41 -1.01 1.69
C GLU A 67 20.96 -1.46 1.71
N ALA A 68 20.71 -2.70 2.12
CA ALA A 68 19.34 -3.23 2.14
C ALA A 68 18.46 -2.48 3.15
N PHE A 69 18.96 -2.26 4.36
CA PHE A 69 18.11 -1.56 5.33
C PHE A 69 17.85 -0.12 4.91
N GLU A 70 18.89 0.59 4.46
N GLU A 70 18.89 0.61 4.48
CA GLU A 70 18.72 1.98 4.07
CA GLU A 70 18.66 2.00 4.08
C GLU A 70 17.69 2.11 2.96
C GLU A 70 17.63 2.09 2.96
N TYR A 71 17.66 1.14 2.03
CA TYR A 71 16.75 1.23 0.89
C TYR A 71 15.34 0.76 1.24
N TYR A 72 15.20 -0.35 1.99
CA TYR A 72 13.89 -0.96 2.22
C TYR A 72 13.30 -0.72 3.60
N HIS A 73 14.09 -0.37 4.60
CA HIS A 73 13.59 -0.19 5.97
C HIS A 73 13.00 -1.48 6.52
N THR A 74 13.57 -2.63 6.16
CA THR A 74 13.17 -3.90 6.74
C THR A 74 14.41 -4.76 6.90
N THR A 75 14.37 -5.69 7.88
CA THR A 75 15.38 -6.72 8.02
C THR A 75 14.75 -8.11 8.11
N ASP A 76 13.55 -8.26 7.60
CA ASP A 76 12.86 -9.54 7.44
C ASP A 76 13.69 -10.39 6.48
N PRO A 77 14.32 -11.49 6.93
CA PRO A 77 15.14 -12.30 6.00
C PRO A 77 14.37 -12.84 4.81
N SER A 78 13.05 -12.94 4.89
CA SER A 78 12.26 -13.51 3.81
C SER A 78 11.80 -12.48 2.79
N PHE A 79 12.12 -11.20 3.00
CA PHE A 79 11.59 -10.15 2.12
C PHE A 79 11.99 -10.37 0.67
N LEU A 80 13.28 -10.61 0.42
CA LEU A 80 13.77 -10.72 -0.95
C LEU A 80 12.98 -11.77 -1.73
N GLY A 81 12.84 -12.97 -1.16
CA GLY A 81 12.12 -14.03 -1.86
C GLY A 81 10.67 -13.66 -2.12
N ARG A 82 10.03 -12.97 -1.18
CA ARG A 82 8.62 -12.62 -1.36
C ARG A 82 8.48 -11.53 -2.41
N TYR A 83 9.38 -10.55 -2.38
CA TYR A 83 9.41 -9.46 -3.35
C TYR A 83 9.66 -9.99 -4.77
N MET A 84 10.65 -10.88 -4.92
CA MET A 84 10.94 -11.40 -6.25
C MET A 84 9.79 -12.26 -6.75
N SER A 85 9.26 -13.14 -5.89
N SER A 85 9.20 -13.07 -5.87
CA SER A 85 8.10 -13.94 -6.27
CA SER A 85 8.10 -13.96 -6.28
C SER A 85 6.99 -13.06 -6.83
C SER A 85 6.89 -13.16 -6.74
N ALA A 86 6.61 -12.03 -6.09
CA ALA A 86 5.54 -11.15 -6.53
C ALA A 86 5.89 -10.48 -7.86
N LEU A 87 7.13 -9.98 -7.98
CA LEU A 87 7.51 -9.21 -9.16
C LEU A 87 7.39 -10.06 -10.42
N ASN A 88 7.64 -11.38 -10.33
CA ASN A 88 7.44 -12.26 -11.48
C ASN A 88 6.02 -12.14 -12.02
N HIS A 89 5.04 -11.97 -11.13
CA HIS A 89 3.66 -11.83 -11.55
C HIS A 89 3.30 -10.39 -11.91
N THR A 90 3.70 -9.40 -11.08
CA THR A 90 3.25 -8.05 -11.38
C THR A 90 3.89 -7.50 -12.64
N LYS A 91 5.03 -8.05 -13.07
CA LYS A 91 5.63 -7.66 -14.33
C LYS A 91 4.74 -8.00 -15.51
N LYS A 92 3.82 -8.94 -15.33
CA LYS A 92 2.92 -9.41 -16.37
C LYS A 92 1.55 -8.76 -16.29
N TRP A 93 1.27 -8.02 -15.22
CA TRP A 93 0.03 -7.29 -15.10
C TRP A 93 0.04 -6.11 -16.07
N LYS A 94 -1.13 -5.54 -16.31
CA LYS A 94 -1.24 -4.33 -17.13
C LYS A 94 -1.70 -3.17 -16.26
N TYR A 95 -1.16 -1.98 -16.55
CA TYR A 95 -1.36 -0.78 -15.74
C TYR A 95 -1.93 0.35 -16.61
N PRO A 96 -3.22 0.27 -16.96
CA PRO A 96 -3.81 1.28 -17.84
C PRO A 96 -3.96 2.60 -17.08
N GLN A 97 -3.93 3.69 -17.85
CA GLN A 97 -4.28 5.00 -17.31
C GLN A 97 -5.79 5.14 -17.38
N VAL A 98 -6.44 5.32 -16.22
CA VAL A 98 -7.89 5.43 -16.19
C VAL A 98 -8.23 6.79 -15.59
N ASN A 99 -8.84 7.66 -16.39
CA ASN A 99 -9.13 9.02 -15.99
C ASN A 99 -7.89 9.70 -15.40
N GLY A 100 -6.74 9.50 -16.04
CA GLY A 100 -5.51 10.14 -15.65
C GLY A 100 -4.78 9.51 -14.48
N LEU A 101 -5.26 8.39 -13.95
CA LEU A 101 -4.65 7.69 -12.84
C LEU A 101 -4.13 6.33 -13.30
N THR A 102 -3.00 5.91 -12.73
CA THR A 102 -2.53 4.55 -12.98
C THR A 102 -3.41 3.57 -12.20
N SER A 103 -4.05 2.65 -12.93
CA SER A 103 -4.81 1.56 -12.36
C SER A 103 -4.10 0.22 -12.63
N ILE A 104 -4.79 -0.88 -12.36
CA ILE A 104 -4.28 -2.23 -12.64
C ILE A 104 -5.40 -3.01 -13.31
N LYS A 105 -5.13 -3.57 -14.48
CA LYS A 105 -6.09 -4.50 -15.07
C LYS A 105 -6.25 -5.69 -14.12
N TRP A 106 -7.48 -6.15 -13.95
CA TRP A 106 -7.71 -7.23 -12.99
C TRP A 106 -6.92 -8.49 -13.32
N ALA A 107 -6.33 -9.08 -12.26
CA ALA A 107 -5.69 -10.38 -12.30
C ALA A 107 -5.44 -10.81 -10.86
N ASP A 108 -5.54 -12.12 -10.61
CA ASP A 108 -4.93 -12.67 -9.39
C ASP A 108 -5.47 -12.00 -8.12
N ASN A 109 -6.77 -11.69 -8.11
CA ASN A 109 -7.40 -11.04 -6.95
C ASN A 109 -6.76 -9.69 -6.61
N ASN A 110 -6.30 -8.92 -7.59
CA ASN A 110 -5.55 -7.69 -7.29
C ASN A 110 -6.41 -6.45 -7.17
N CYS A 111 -7.74 -6.60 -7.09
CA CYS A 111 -8.63 -5.44 -7.01
C CYS A 111 -8.31 -4.55 -5.82
N TYR A 112 -8.00 -5.15 -4.66
CA TYR A 112 -7.68 -4.33 -3.49
C TYR A 112 -6.43 -3.49 -3.73
N LEU A 113 -5.49 -4.00 -4.52
CA LEU A 113 -4.28 -3.24 -4.83
C LEU A 113 -4.58 -2.09 -5.79
N ALA A 114 -5.39 -2.35 -6.81
CA ALA A 114 -5.80 -1.28 -7.73
C ALA A 114 -6.50 -0.16 -6.97
N THR A 115 -7.44 -0.49 -6.08
CA THR A 115 -8.12 0.54 -5.31
C THR A 115 -7.16 1.33 -4.43
N ALA A 116 -6.21 0.63 -3.80
CA ALA A 116 -5.21 1.32 -2.97
C ALA A 116 -4.33 2.23 -3.82
N LEU A 117 -3.87 1.72 -4.96
CA LEU A 117 -2.99 2.51 -5.81
C LEU A 117 -3.72 3.74 -6.35
N LEU A 118 -4.96 3.57 -6.78
CA LEU A 118 -5.77 4.71 -7.21
C LEU A 118 -5.93 5.71 -6.08
N THR A 119 -6.22 5.23 -4.88
CA THR A 119 -6.40 6.12 -3.73
C THR A 119 -5.13 6.94 -3.46
N LEU A 120 -3.98 6.26 -3.38
CA LEU A 120 -2.70 6.94 -3.15
C LEU A 120 -2.52 8.14 -4.05
N GLN A 121 -2.86 8.00 -5.33
CA GLN A 121 -2.68 9.11 -6.27
C GLN A 121 -3.61 10.28 -6.00
N GLN A 122 -4.50 10.20 -5.01
CA GLN A 122 -5.44 11.27 -4.73
C GLN A 122 -5.30 11.89 -3.35
N ILE A 123 -4.34 11.45 -2.54
CA ILE A 123 -4.11 11.99 -1.20
C ILE A 123 -2.64 12.33 -1.06
N GLU A 124 -2.34 13.27 -0.16
CA GLU A 124 -0.98 13.72 0.03
C GLU A 124 -0.26 12.75 0.98
N LEU A 125 0.77 12.07 0.49
CA LEU A 125 1.45 11.05 1.28
C LEU A 125 2.87 10.87 0.73
N LYS A 126 3.87 10.98 1.59
CA LYS A 126 5.25 10.79 1.20
C LYS A 126 5.80 9.55 1.92
N PHE A 127 6.33 8.60 1.15
CA PHE A 127 6.88 7.36 1.69
C PHE A 127 8.26 7.58 2.29
N ASN A 128 8.61 6.75 3.26
CA ASN A 128 9.92 6.85 3.90
C ASN A 128 10.98 5.93 3.27
N PRO A 129 10.73 4.64 3.02
CA PRO A 129 11.74 3.83 2.32
C PRO A 129 12.02 4.37 0.91
N PRO A 130 13.28 4.62 0.57
CA PRO A 130 13.60 4.99 -0.83
C PRO A 130 13.04 4.00 -1.85
N ALA A 131 12.95 2.72 -1.49
CA ALA A 131 12.39 1.73 -2.40
C ALA A 131 10.96 2.09 -2.81
N LEU A 132 10.15 2.54 -1.85
CA LEU A 132 8.78 2.96 -2.14
C LEU A 132 8.74 4.33 -2.81
N GLN A 133 9.64 5.26 -2.41
CA GLN A 133 9.69 6.56 -3.08
C GLN A 133 9.98 6.38 -4.57
N ASP A 134 11.00 5.57 -4.88
CA ASP A 134 11.42 5.34 -6.26
C ASP A 134 10.34 4.61 -7.05
N ALA A 135 9.82 3.51 -6.49
CA ALA A 135 8.85 2.72 -7.24
C ALA A 135 7.51 3.44 -7.39
N TYR A 136 7.11 4.23 -6.39
CA TYR A 136 5.87 4.98 -6.52
C TYR A 136 5.98 6.05 -7.58
N TYR A 137 7.15 6.73 -7.67
CA TYR A 137 7.34 7.70 -8.74
C TYR A 137 7.13 7.04 -10.09
N ARG A 138 7.69 5.86 -10.29
CA ARG A 138 7.51 5.17 -11.55
C ARG A 138 6.08 4.68 -11.72
N ALA A 139 5.41 4.27 -10.64
CA ALA A 139 4.02 3.84 -10.76
C ALA A 139 3.14 4.99 -11.25
N ARG A 140 3.38 6.20 -10.75
CA ARG A 140 2.58 7.34 -11.17
C ARG A 140 2.71 7.58 -12.67
N ALA A 141 3.89 7.31 -13.24
CA ALA A 141 4.10 7.42 -14.67
C ALA A 141 3.54 6.24 -15.44
N GLY A 142 3.09 5.20 -14.74
CA GLY A 142 2.46 4.07 -15.39
C GLY A 142 3.24 2.78 -15.32
N GLU A 143 4.45 2.76 -14.79
CA GLU A 143 5.24 1.53 -14.71
C GLU A 143 5.24 1.07 -13.26
N ALA A 144 4.15 0.40 -12.87
CA ALA A 144 3.85 0.17 -11.48
C ALA A 144 4.18 -1.25 -11.01
N ALA A 145 4.85 -2.06 -11.84
CA ALA A 145 5.04 -3.46 -11.47
C ALA A 145 5.91 -3.60 -10.23
N ASN A 146 7.00 -2.82 -10.16
CA ASN A 146 7.86 -2.87 -8.99
C ASN A 146 7.16 -2.36 -7.74
N PHE A 147 6.39 -1.27 -7.86
CA PHE A 147 5.61 -0.77 -6.74
C PHE A 147 4.63 -1.82 -6.22
N CYS A 148 3.90 -2.49 -7.12
CA CYS A 148 2.93 -3.49 -6.66
C CYS A 148 3.62 -4.68 -6.01
N ALA A 149 4.75 -5.13 -6.57
CA ALA A 149 5.52 -6.20 -5.93
C ALA A 149 6.00 -5.78 -4.53
N LEU A 150 6.45 -4.54 -4.38
CA LEU A 150 6.87 -4.07 -3.07
C LEU A 150 5.70 -4.05 -2.09
N ILE A 151 4.54 -3.52 -2.52
CA ILE A 151 3.38 -3.50 -1.62
C ILE A 151 3.04 -4.91 -1.17
N LEU A 152 3.00 -5.87 -2.11
CA LEU A 152 2.74 -7.26 -1.76
C LEU A 152 3.75 -7.75 -0.73
N ALA A 153 5.02 -7.40 -0.91
CA ALA A 153 6.06 -7.86 0.00
C ALA A 153 5.93 -7.19 1.36
N TYR A 154 5.78 -5.85 1.39
CA TYR A 154 5.63 -5.18 2.68
C TYR A 154 4.38 -5.67 3.41
N CYS A 155 3.28 -5.87 2.69
CA CYS A 155 2.05 -6.30 3.33
C CYS A 155 2.03 -7.80 3.64
N ASN A 156 3.07 -8.53 3.24
CA ASN A 156 3.15 -9.98 3.41
C ASN A 156 1.96 -10.68 2.77
N LYS A 157 1.61 -10.23 1.57
CA LYS A 157 0.56 -10.83 0.76
C LYS A 157 1.22 -11.51 -0.42
N THR A 158 0.71 -12.67 -0.81
CA THR A 158 1.14 -13.32 -2.04
C THR A 158 0.17 -12.97 -3.16
N VAL A 159 0.68 -13.02 -4.40
CA VAL A 159 -0.18 -12.85 -5.56
C VAL A 159 -1.26 -13.92 -5.53
N GLY A 160 -2.50 -13.52 -5.82
CA GLY A 160 -3.63 -14.41 -5.72
C GLY A 160 -4.37 -14.33 -4.40
N GLU A 161 -3.73 -13.82 -3.37
CA GLU A 161 -4.37 -13.66 -2.07
C GLU A 161 -5.19 -12.38 -2.10
N LEU A 162 -6.43 -12.43 -1.64
CA LEU A 162 -7.25 -11.24 -1.61
C LEU A 162 -6.97 -10.45 -0.34
N GLY A 163 -6.52 -9.21 -0.52
CA GLY A 163 -6.21 -8.35 0.59
C GLY A 163 -7.38 -7.45 0.94
N ASP A 164 -7.19 -6.70 2.01
CA ASP A 164 -8.18 -5.76 2.49
C ASP A 164 -7.59 -4.36 2.27
N VAL A 165 -8.38 -3.46 1.70
CA VAL A 165 -7.89 -2.11 1.38
C VAL A 165 -7.48 -1.35 2.63
N ARG A 166 -8.35 -1.32 3.64
CA ARG A 166 -8.01 -0.64 4.90
C ARG A 166 -6.69 -1.14 5.49
N GLU A 167 -6.54 -2.48 5.58
CA GLU A 167 -5.28 -3.05 6.05
C GLU A 167 -4.10 -2.61 5.20
N THR A 168 -4.27 -2.66 3.87
CA THR A 168 -3.18 -2.26 3.00
C THR A 168 -2.83 -0.79 3.22
N MET A 169 -3.83 0.09 3.23
CA MET A 169 -3.55 1.49 3.54
C MET A 169 -2.84 1.62 4.87
N SER A 170 -3.22 0.82 5.88
CA SER A 170 -2.52 0.90 7.15
C SER A 170 -1.03 0.59 6.98
N TYR A 171 -0.69 -0.47 6.25
CA TYR A 171 0.72 -0.76 5.99
C TYR A 171 1.40 0.39 5.25
N LEU A 172 0.75 0.94 4.23
CA LEU A 172 1.36 2.01 3.46
C LEU A 172 1.60 3.24 4.35
N PHE A 173 0.61 3.60 5.17
CA PHE A 173 0.76 4.72 6.11
C PHE A 173 1.88 4.47 7.12
N GLN A 174 2.03 3.22 7.57
N GLN A 174 2.05 3.22 7.56
CA GLN A 174 3.13 2.92 8.49
CA GLN A 174 3.13 2.90 8.48
C GLN A 174 4.49 3.18 7.86
C GLN A 174 4.50 3.15 7.86
N HIS A 175 4.59 3.17 6.53
CA HIS A 175 5.83 3.42 5.82
C HIS A 175 5.86 4.83 5.23
N ALA A 176 5.09 5.76 5.79
CA ALA A 176 5.01 7.12 5.27
C ALA A 176 5.27 8.09 6.40
N ASN A 177 5.59 9.34 6.06
CA ASN A 177 5.78 10.35 7.10
C ASN A 177 4.45 10.99 7.43
N LEU A 178 3.84 10.54 8.54
CA LEU A 178 2.61 11.15 9.04
C LEU A 178 2.84 11.79 10.41
N ASP A 179 4.10 12.15 10.73
CA ASP A 179 4.44 12.64 12.06
C ASP A 179 3.64 13.87 12.44
N SER A 180 3.29 14.71 11.46
CA SER A 180 2.54 15.94 11.71
C SER A 180 1.06 15.72 12.00
N CYS A 181 0.52 14.53 11.72
CA CYS A 181 -0.91 14.34 11.83
C CYS A 181 -1.31 14.18 13.30
N LYS A 182 -2.38 14.86 13.69
CA LYS A 182 -2.83 14.89 15.08
C LYS A 182 -4.36 14.87 15.09
N ARG A 183 -4.93 14.11 16.03
CA ARG A 183 -6.36 14.03 16.18
C ARG A 183 -6.70 14.11 17.66
N VAL A 184 -7.72 14.88 17.99
CA VAL A 184 -8.19 15.00 19.37
C VAL A 184 -9.65 14.58 19.40
N LEU A 185 -9.97 13.63 20.28
CA LEU A 185 -11.32 13.10 20.39
C LEU A 185 -11.86 13.38 21.78
N ASN A 186 -13.19 13.45 21.89
CA ASN A 186 -13.90 13.51 23.17
C ASN A 186 -14.96 12.41 23.21
N VAL A 187 -14.97 11.66 24.32
CA VAL A 187 -15.97 10.63 24.58
C VAL A 187 -16.78 11.04 25.80
N VAL A 188 -18.11 11.12 25.64
CA VAL A 188 -19.01 11.60 26.68
C VAL A 188 -19.98 10.49 27.07
N CYS A 189 -19.92 10.08 28.34
CA CYS A 189 -20.85 9.11 28.94
C CYS A 189 -21.66 9.79 30.04
N LYS A 190 -22.98 9.61 29.99
CA LYS A 190 -23.85 10.16 31.02
C LYS A 190 -23.48 9.69 32.42
N THR A 191 -22.99 8.44 32.53
CA THR A 191 -22.54 7.95 33.83
C THR A 191 -21.11 8.39 34.12
N CYS A 192 -20.19 8.16 33.18
CA CYS A 192 -18.77 8.28 33.47
C CYS A 192 -18.19 9.66 33.18
N GLY A 193 -18.93 10.55 32.54
CA GLY A 193 -18.43 11.88 32.25
C GLY A 193 -17.74 12.00 30.90
N GLN A 194 -16.72 12.87 30.82
CA GLN A 194 -15.98 13.16 29.59
C GLN A 194 -14.57 12.59 29.67
N GLN A 195 -14.06 12.16 28.52
CA GLN A 195 -12.70 11.65 28.41
C GLN A 195 -12.14 12.09 27.07
N GLN A 196 -11.04 12.85 27.10
CA GLN A 196 -10.38 13.35 25.89
C GLN A 196 -9.18 12.48 25.56
N THR A 197 -9.01 12.19 24.26
CA THR A 197 -7.91 11.39 23.77
C THR A 197 -7.25 12.08 22.59
N THR A 198 -5.91 12.06 22.58
CA THR A 198 -5.11 12.57 21.46
C THR A 198 -4.45 11.40 20.74
N LEU A 199 -4.61 11.36 19.41
CA LEU A 199 -4.00 10.36 18.55
C LEU A 199 -3.02 11.05 17.60
N LYS A 200 -1.98 10.33 17.17
CA LYS A 200 -0.97 10.89 16.28
C LYS A 200 -0.62 9.90 15.18
N GLY A 201 -0.11 10.44 14.06
CA GLY A 201 0.40 9.60 13.00
C GLY A 201 -0.72 8.85 12.31
N VAL A 202 -0.45 7.57 12.01
CA VAL A 202 -1.45 6.71 11.37
C VAL A 202 -2.77 6.74 12.14
N GLU A 203 -2.71 6.64 13.48
CA GLU A 203 -3.94 6.61 14.25
C GLU A 203 -4.74 7.90 14.12
N ALA A 204 -4.09 9.01 13.76
CA ALA A 204 -4.82 10.27 13.63
C ALA A 204 -5.59 10.38 12.33
N VAL A 205 -5.29 9.54 11.32
CA VAL A 205 -5.95 9.66 10.02
C VAL A 205 -6.86 8.50 9.69
N MET A 206 -6.93 7.46 10.51
CA MET A 206 -7.75 6.28 10.28
C MET A 206 -8.83 6.18 11.36
N TYR A 207 -10.06 5.85 10.95
CA TYR A 207 -11.11 5.56 11.91
C TYR A 207 -11.97 4.41 11.41
N MET A 208 -12.39 3.55 12.33
CA MET A 208 -13.20 2.38 12.00
C MET A 208 -14.51 2.46 12.79
N GLY A 209 -15.63 2.54 12.07
CA GLY A 209 -16.91 2.57 12.72
C GLY A 209 -17.95 3.35 11.93
N THR A 210 -17.52 4.40 11.25
CA THR A 210 -18.45 5.19 10.45
C THR A 210 -17.76 5.70 9.20
N LEU A 211 -18.53 5.87 8.13
CA LEU A 211 -17.99 6.35 6.86
C LEU A 211 -18.07 7.85 6.71
N SER A 212 -18.91 8.51 7.49
CA SER A 212 -19.22 9.92 7.29
C SER A 212 -18.33 10.76 8.19
N TYR A 213 -17.57 11.68 7.58
CA TYR A 213 -16.74 12.60 8.35
C TYR A 213 -17.62 13.57 9.13
N GLU A 214 -18.72 14.01 8.52
CA GLU A 214 -19.67 14.89 9.19
C GLU A 214 -20.28 14.23 10.43
N GLN A 215 -20.70 12.97 10.31
CA GLN A 215 -21.26 12.28 11.48
C GLN A 215 -20.21 12.16 12.58
N PHE A 216 -18.95 11.95 12.19
CA PHE A 216 -17.86 11.87 13.15
C PHE A 216 -17.66 13.20 13.85
N LYS A 217 -17.86 14.31 13.14
CA LYS A 217 -17.81 15.64 13.75
C LYS A 217 -19.02 15.87 14.66
N LYS A 218 -20.18 15.34 14.27
CA LYS A 218 -21.38 15.50 15.07
C LYS A 218 -21.35 14.63 16.31
N GLY A 219 -20.88 13.39 16.18
CA GLY A 219 -20.79 12.46 17.29
C GLY A 219 -21.30 11.08 16.92
N VAL A 220 -20.63 10.03 17.40
CA VAL A 220 -21.02 8.66 17.09
C VAL A 220 -21.21 7.91 18.40
N GLN A 221 -22.09 6.89 18.37
CA GLN A 221 -22.40 6.11 19.56
C GLN A 221 -21.48 4.89 19.64
N ILE A 222 -20.88 4.69 20.82
CA ILE A 222 -19.96 3.58 21.04
C ILE A 222 -20.12 3.06 22.46
N PRO A 223 -19.78 1.79 22.69
CA PRO A 223 -19.95 1.21 24.03
C PRO A 223 -19.04 1.87 25.05
N CYS A 224 -19.57 2.04 26.26
CA CYS A 224 -18.76 2.40 27.41
C CYS A 224 -18.49 1.16 28.26
N THR A 225 -17.39 1.18 29.02
CA THR A 225 -17.09 0.05 29.88
C THR A 225 -18.11 -0.12 31.00
N CYS A 226 -18.97 0.86 31.24
CA CYS A 226 -20.02 0.75 32.25
C CYS A 226 -21.28 0.07 31.73
N GLY A 227 -21.33 -0.21 30.43
CA GLY A 227 -22.47 -0.83 29.79
C GLY A 227 -23.33 0.11 28.98
N LYS A 228 -23.29 1.41 29.26
CA LYS A 228 -24.15 2.35 28.56
C LYS A 228 -23.55 2.73 27.20
N GLN A 229 -24.35 3.45 26.41
CA GLN A 229 -23.87 4.03 25.15
C GLN A 229 -23.23 5.39 25.42
N ALA A 230 -22.03 5.58 24.90
CA ALA A 230 -21.31 6.85 25.00
C ALA A 230 -21.22 7.50 23.62
N THR A 231 -20.98 8.81 23.62
CA THR A 231 -20.84 9.59 22.39
C THR A 231 -19.40 10.01 22.20
N LYS A 232 -18.85 9.73 21.03
CA LYS A 232 -17.49 10.12 20.65
C LYS A 232 -17.58 11.09 19.47
N TYR A 233 -16.91 12.24 19.57
CA TYR A 233 -16.87 13.17 18.46
C TYR A 233 -15.48 13.77 18.29
N LEU A 234 -15.26 14.37 17.12
CA LEU A 234 -13.97 14.90 16.72
C LEU A 234 -13.81 16.30 17.30
N VAL A 235 -12.74 16.52 18.06
CA VAL A 235 -12.45 17.84 18.64
C VAL A 235 -11.53 18.65 17.74
N GLN A 236 -10.39 18.07 17.34
CA GLN A 236 -9.44 18.74 16.47
C GLN A 236 -8.81 17.74 15.51
N GLN A 237 -8.45 18.23 14.32
CA GLN A 237 -7.84 17.39 13.31
C GLN A 237 -6.83 18.23 12.54
N GLU A 238 -5.60 17.73 12.46
CA GLU A 238 -4.50 18.33 11.70
C GLU A 238 -3.94 17.20 10.82
N SER A 239 -4.30 17.18 9.54
CA SER A 239 -3.80 16.17 8.60
C SER A 239 -4.24 16.59 7.19
N PRO A 240 -3.54 16.11 6.15
CA PRO A 240 -3.94 16.47 4.77
C PRO A 240 -5.11 15.67 4.23
N PHE A 241 -5.51 14.59 4.90
CA PHE A 241 -6.63 13.75 4.53
C PHE A 241 -7.07 13.00 5.78
N VAL A 242 -8.28 12.43 5.72
CA VAL A 242 -8.71 11.44 6.70
C VAL A 242 -9.30 10.26 5.96
N MET A 243 -9.18 9.07 6.56
CA MET A 243 -9.79 7.82 6.11
C MET A 243 -10.84 7.36 7.11
N MET A 244 -12.09 7.29 6.65
CA MET A 244 -13.21 6.75 7.43
C MET A 244 -13.58 5.38 6.87
N SER A 245 -13.54 4.37 7.73
CA SER A 245 -13.81 2.99 7.35
C SER A 245 -14.95 2.42 8.18
N ALA A 246 -15.61 1.40 7.62
CA ALA A 246 -16.70 0.74 8.31
C ALA A 246 -16.99 -0.57 7.60
N PRO A 247 -17.58 -1.55 8.29
CA PRO A 247 -18.07 -2.76 7.63
C PRO A 247 -18.94 -2.41 6.44
N PRO A 248 -18.80 -3.13 5.33
CA PRO A 248 -19.55 -2.78 4.11
C PRO A 248 -21.03 -2.63 4.38
N ALA A 249 -21.59 -1.52 3.90
CA ALA A 249 -23.01 -1.24 4.06
C ALA A 249 -23.44 -0.37 2.90
N GLN A 250 -24.72 -0.51 2.51
CA GLN A 250 -25.27 0.40 1.51
C GLN A 250 -25.10 1.84 1.97
N TYR A 251 -24.45 2.63 1.14
CA TYR A 251 -24.09 4.01 1.47
C TYR A 251 -24.20 4.85 0.21
N GLU A 252 -24.55 6.11 0.38
CA GLU A 252 -24.88 7.00 -0.73
C GLU A 252 -23.76 8.04 -0.86
N LEU A 253 -23.01 7.97 -1.95
CA LEU A 253 -21.89 8.88 -2.15
C LEU A 253 -22.35 10.08 -2.98
N LYS A 254 -22.16 11.28 -2.45
CA LYS A 254 -22.61 12.53 -3.09
C LYS A 254 -21.45 13.29 -3.69
N HIS A 255 -21.58 13.59 -4.98
CA HIS A 255 -20.59 14.35 -5.73
C HIS A 255 -20.12 15.57 -4.95
N GLY A 256 -18.80 15.71 -4.82
CA GLY A 256 -18.21 16.88 -4.20
C GLY A 256 -18.08 16.85 -2.68
N THR A 257 -18.58 15.81 -2.01
CA THR A 257 -18.54 15.73 -0.56
C THR A 257 -17.43 14.83 -0.04
N PHE A 258 -16.63 14.24 -0.92
CA PHE A 258 -15.56 13.34 -0.54
C PHE A 258 -14.56 13.30 -1.69
N THR A 259 -13.41 12.65 -1.44
CA THR A 259 -12.38 12.55 -2.47
C THR A 259 -12.53 11.24 -3.24
N CYS A 260 -12.53 10.12 -2.54
CA CYS A 260 -12.61 8.83 -3.18
C CYS A 260 -13.03 7.83 -2.13
N ALA A 261 -13.40 6.62 -2.58
CA ALA A 261 -14.01 5.65 -1.69
C ALA A 261 -13.82 4.26 -2.25
N SER A 262 -13.86 3.27 -1.34
CA SER A 262 -13.75 1.86 -1.68
C SER A 262 -15.11 1.19 -1.53
N GLU A 263 -15.51 0.44 -2.56
CA GLU A 263 -16.72 -0.36 -2.53
C GLU A 263 -16.33 -1.83 -2.48
N TYR A 264 -16.99 -2.61 -1.63
CA TYR A 264 -16.69 -4.02 -1.46
C TYR A 264 -17.96 -4.84 -1.56
N THR A 265 -17.99 -5.76 -2.52
CA THR A 265 -19.10 -6.67 -2.76
C THR A 265 -18.64 -8.08 -2.45
N GLY A 266 -19.35 -8.77 -1.57
CA GLY A 266 -19.02 -10.14 -1.26
C GLY A 266 -19.10 -10.45 0.23
N ASN A 267 -18.22 -11.32 0.71
CA ASN A 267 -18.19 -11.66 2.12
C ASN A 267 -16.77 -11.51 2.65
N TYR A 268 -16.52 -11.94 3.88
CA TYR A 268 -15.25 -11.61 4.52
C TYR A 268 -14.07 -12.17 3.73
N GLN A 269 -14.16 -13.43 3.29
CA GLN A 269 -13.03 -14.14 2.71
C GLN A 269 -12.98 -14.07 1.19
N CYS A 270 -14.05 -13.63 0.53
CA CYS A 270 -14.13 -13.68 -0.92
C CYS A 270 -14.97 -12.50 -1.42
N GLY A 271 -14.42 -11.70 -2.33
CA GLY A 271 -15.20 -10.58 -2.81
C GLY A 271 -14.47 -9.80 -3.87
N HIS A 272 -14.99 -8.60 -4.13
CA HIS A 272 -14.43 -7.69 -5.12
C HIS A 272 -14.56 -6.23 -4.70
N TYR A 273 -13.44 -5.53 -4.85
CA TYR A 273 -13.36 -4.11 -4.59
C TYR A 273 -13.58 -3.30 -5.86
N LYS A 274 -14.24 -2.14 -5.72
CA LYS A 274 -14.26 -1.11 -6.74
C LYS A 274 -13.90 0.24 -6.10
N HIS A 275 -13.45 1.17 -6.93
CA HIS A 275 -13.00 2.48 -6.51
C HIS A 275 -13.93 3.55 -7.06
N ILE A 276 -14.34 4.49 -6.22
CA ILE A 276 -15.18 5.60 -6.66
C ILE A 276 -14.42 6.90 -6.40
N THR A 277 -14.29 7.74 -7.43
CA THR A 277 -13.59 9.00 -7.29
C THR A 277 -14.51 10.13 -7.71
N SER A 278 -14.49 11.21 -6.92
CA SER A 278 -15.37 12.36 -7.14
C SER A 278 -14.56 13.43 -7.86
N LYS A 279 -14.80 13.59 -9.17
CA LYS A 279 -14.15 14.63 -9.97
C LYS A 279 -15.24 15.55 -10.52
N GLU A 280 -15.20 15.85 -11.83
CA GLU A 280 -16.29 16.63 -12.41
C GLU A 280 -17.62 15.91 -12.30
N THR A 281 -17.60 14.58 -12.14
CA THR A 281 -18.75 13.78 -11.78
C THR A 281 -18.21 12.59 -10.98
N LEU A 282 -19.06 11.61 -10.68
CA LEU A 282 -18.60 10.41 -9.98
C LEU A 282 -18.14 9.35 -10.98
N TYR A 283 -16.88 8.94 -10.87
CA TYR A 283 -16.31 7.88 -11.69
C TYR A 283 -16.09 6.62 -10.86
N CYS A 284 -16.54 5.49 -11.35
CA CYS A 284 -16.28 4.19 -10.74
C CYS A 284 -15.21 3.51 -11.58
N ILE A 285 -14.03 3.30 -10.97
CA ILE A 285 -12.93 2.60 -11.61
C ILE A 285 -12.86 1.20 -11.01
N ASP A 286 -12.94 0.19 -11.87
CA ASP A 286 -12.88 -1.23 -11.51
C ASP A 286 -11.74 -1.87 -12.31
N GLY A 287 -10.51 -1.73 -11.79
CA GLY A 287 -9.34 -2.12 -12.55
C GLY A 287 -9.20 -1.33 -13.85
N ALA A 288 -9.37 -2.00 -14.99
CA ALA A 288 -9.34 -1.30 -16.27
C ALA A 288 -10.70 -0.71 -16.67
N LEU A 289 -11.78 -1.06 -15.95
CA LEU A 289 -13.13 -0.68 -16.31
C LEU A 289 -13.46 0.68 -15.73
N LEU A 290 -14.22 1.48 -16.48
CA LEU A 290 -14.61 2.82 -16.05
C LEU A 290 -16.07 3.06 -16.40
N THR A 291 -16.84 3.55 -15.42
CA THR A 291 -18.20 4.02 -15.66
C THR A 291 -18.38 5.32 -14.90
N LYS A 292 -19.45 6.05 -15.22
CA LYS A 292 -19.73 7.34 -14.59
C LYS A 292 -21.19 7.41 -14.17
N SER A 293 -21.47 8.27 -13.18
CA SER A 293 -22.85 8.49 -12.77
C SER A 293 -22.92 9.79 -11.95
N SER A 294 -24.13 10.36 -11.85
CA SER A 294 -24.26 11.57 -11.05
C SER A 294 -24.47 11.27 -9.57
N GLU A 295 -25.10 10.14 -9.24
CA GLU A 295 -25.28 9.66 -7.87
C GLU A 295 -24.60 8.30 -7.77
N TYR A 296 -24.21 7.91 -6.57
CA TYR A 296 -23.68 6.57 -6.38
C TYR A 296 -24.19 5.96 -5.08
N LYS A 297 -24.62 4.71 -5.15
CA LYS A 297 -25.08 3.98 -3.98
C LYS A 297 -24.56 2.56 -4.08
N GLY A 298 -23.93 2.07 -3.01
CA GLY A 298 -23.42 0.73 -2.99
C GLY A 298 -22.77 0.38 -1.67
N PRO A 299 -22.28 -0.86 -1.56
CA PRO A 299 -21.63 -1.28 -0.32
C PRO A 299 -20.26 -0.65 -0.11
N ILE A 300 -20.23 0.55 0.48
CA ILE A 300 -18.99 1.29 0.69
C ILE A 300 -18.33 0.86 1.98
N THR A 301 -17.00 0.79 1.95
CA THR A 301 -16.29 0.36 3.14
C THR A 301 -15.18 1.32 3.59
N ASP A 302 -14.69 2.22 2.73
CA ASP A 302 -13.73 3.27 3.09
C ASP A 302 -14.08 4.52 2.30
N VAL A 303 -13.96 5.68 2.94
CA VAL A 303 -14.16 6.96 2.26
C VAL A 303 -13.02 7.90 2.67
N PHE A 304 -12.41 8.55 1.69
CA PHE A 304 -11.31 9.47 1.94
C PHE A 304 -11.79 10.89 1.74
N TYR A 305 -11.30 11.80 2.60
CA TYR A 305 -11.73 13.19 2.62
C TYR A 305 -10.50 14.09 2.70
N LYS A 306 -10.54 15.25 2.05
CA LYS A 306 -9.45 16.20 2.19
C LYS A 306 -9.58 16.94 3.51
N GLU A 307 -8.44 17.35 4.05
CA GLU A 307 -8.42 18.05 5.33
C GLU A 307 -7.21 18.95 5.32
N ASN A 308 -7.21 19.94 6.22
CA ASN A 308 -5.96 20.64 6.54
C ASN A 308 -5.95 20.86 8.05
N SER A 309 -6.90 21.67 8.54
CA SER A 309 -7.09 21.92 9.97
C SER A 309 -8.58 22.05 10.27
N TYR A 310 -9.04 21.31 11.29
CA TYR A 310 -10.42 21.39 11.74
C TYR A 310 -10.46 21.55 13.25
N THR A 311 -11.36 22.42 13.73
CA THR A 311 -11.62 22.61 15.15
C THR A 311 -13.12 22.63 15.40
N THR A 312 -13.58 21.80 16.33
CA THR A 312 -15.00 21.71 16.62
C THR A 312 -15.52 23.03 17.17
N THR A 313 -16.83 23.24 17.01
CA THR A 313 -17.53 24.29 17.72
C THR A 313 -18.31 23.77 18.92
N ILE A 314 -18.57 22.45 18.97
CA ILE A 314 -19.16 21.80 20.14
C ILE A 314 -18.42 22.24 21.39
N LYS A 315 -19.17 22.78 22.36
CA LYS A 315 -18.56 23.29 23.58
C LYS A 315 -18.53 22.24 24.69
ZN ZN B . -19.83 4.91 31.16
CL CL C . 6.99 9.28 -2.01
CL CL D . -13.19 15.76 0.50
CL CL E . 5.84 -1.83 -15.10
CL CL F . 2.61 6.90 12.74
CL CL G . -4.96 -7.62 3.89
CL CL H . 9.44 3.21 6.75
CL CL I . 21.83 -24.57 -15.72
CL CL J . -5.71 9.21 -18.90
C1' HBA K . 15.14 -6.53 1.68
O1' HBA K . 15.49 -6.71 2.81
C1 HBA K . 16.00 -7.04 0.51
C2 HBA K . 15.63 -6.77 -0.78
C3 HBA K . 16.41 -7.24 -1.85
C4 HBA K . 17.56 -7.97 -1.58
C5 HBA K . 17.92 -8.26 -0.27
C6 HBA K . 17.15 -7.79 0.78
O4 HBA K . 18.35 -8.43 -2.64
K K L . 7.32 8.34 13.15
K K M . 5.88 6.91 9.98
#